data_6ULQ
#
_entry.id   6ULQ
#
_cell.length_a   80.484
_cell.length_b   76.142
_cell.length_c   109.661
_cell.angle_alpha   90.000
_cell.angle_beta   108.275
_cell.angle_gamma   90.000
#
_symmetry.space_group_name_H-M   'I 1 2 1'
#
loop_
_entity.id
_entity.type
_entity.pdbx_description
1 polymer 'Bromodomain-containing protein 2'
2 polymer 'Cyclic peptide 4.2_3'
3 water water
#
loop_
_entity_poly.entity_id
_entity_poly.type
_entity_poly.pdbx_seq_one_letter_code
_entity_poly.pdbx_strand_id
1 'polypeptide(L)'
;QGPLGSEVSNPKKPGRVTNQLQYLHKVVMKALWKHQFAWPFRQPVDAVKLGLPDYHKIIKQPMDMGTIKRRLENNYYWAA
SECMQDFNTMFTNCYIYNKPTDDIVLMAQTLEKIFLQKVASMPQEEQELVVTIPKN
;
A,B,C
2 'polypeptide(L)' (ACE)W(ALY)GYLCLR(ALY)RIQRTYN(NH2) D,E,F
#
# COMPACT_ATOMS: atom_id res chain seq x y z
N GLU A 7 6.11 14.45 -17.70
CA GLU A 7 5.13 14.71 -16.64
C GLU A 7 5.25 13.67 -15.53
N VAL A 8 5.12 12.40 -15.89
CA VAL A 8 5.24 11.30 -14.95
C VAL A 8 6.57 10.57 -15.08
N SER A 9 7.07 10.43 -16.31
CA SER A 9 8.32 9.75 -16.58
C SER A 9 9.20 10.63 -17.46
N ASN A 10 10.51 10.56 -17.21
CA ASN A 10 11.48 11.29 -18.04
C ASN A 10 12.77 10.48 -18.13
N PRO A 11 13.14 10.02 -19.31
CA PRO A 11 14.37 9.21 -19.43
C PRO A 11 15.64 10.03 -19.28
N LYS A 12 15.61 11.32 -19.59
CA LYS A 12 16.80 12.16 -19.55
C LYS A 12 17.04 12.82 -18.20
N LYS A 13 16.13 12.66 -17.24
CA LYS A 13 16.28 13.34 -15.96
C LYS A 13 16.48 12.32 -14.84
N PRO A 14 17.54 12.47 -14.05
CA PRO A 14 17.88 11.45 -13.05
C PRO A 14 16.96 11.47 -11.85
N GLY A 15 16.62 10.27 -11.37
CA GLY A 15 15.81 10.15 -10.18
C GLY A 15 16.51 9.32 -9.12
N ARG A 16 16.11 9.48 -7.86
CA ARG A 16 16.76 8.80 -6.75
C ARG A 16 15.72 8.27 -5.79
N VAL A 17 16.15 7.34 -4.94
CA VAL A 17 15.35 6.85 -3.82
C VAL A 17 16.02 7.32 -2.54
N THR A 18 15.32 8.10 -1.73
CA THR A 18 15.82 8.60 -0.46
C THR A 18 14.88 8.20 0.66
N ASN A 19 15.39 8.31 1.89
CA ASN A 19 14.58 8.00 3.06
C ASN A 19 13.39 8.96 3.17
N GLN A 20 13.58 10.21 2.79
CA GLN A 20 12.49 11.17 2.84
C GLN A 20 11.49 10.93 1.73
N LEU A 21 11.97 10.53 0.54
CA LEU A 21 11.06 10.23 -0.55
C LEU A 21 10.22 9.00 -0.25
N GLN A 22 10.86 7.95 0.30
CA GLN A 22 10.11 6.76 0.69
C GLN A 22 9.16 7.05 1.85
N TYR A 23 9.53 7.98 2.73
CA TYR A 23 8.61 8.40 3.78
C TYR A 23 7.39 9.09 3.21
N LEU A 24 7.59 9.94 2.20
CA LEU A 24 6.46 10.59 1.54
C LEU A 24 5.58 9.59 0.82
N HIS A 25 6.17 8.51 0.30
CA HIS A 25 5.40 7.51 -0.42
C HIS A 25 4.68 6.55 0.52
N LYS A 26 5.36 6.11 1.59
CA LYS A 26 4.79 5.11 2.48
C LYS A 26 3.86 5.72 3.52
N VAL A 27 4.20 6.90 4.03
CA VAL A 27 3.50 7.47 5.17
C VAL A 27 2.59 8.62 4.73
N VAL A 28 3.17 9.61 4.06
CA VAL A 28 2.41 10.81 3.71
C VAL A 28 1.37 10.50 2.65
N MET A 29 1.79 9.84 1.56
CA MET A 29 0.87 9.60 0.45
C MET A 29 -0.24 8.64 0.86
N LYS A 30 0.08 7.58 1.59
CA LYS A 30 -0.93 6.61 1.99
C LYS A 30 -1.93 7.22 2.97
N ALA A 31 -1.51 8.19 3.77
CA ALA A 31 -2.44 8.83 4.70
C ALA A 31 -3.39 9.77 3.96
N LEU A 32 -2.90 10.49 2.95
CA LEU A 32 -3.73 11.41 2.21
C LEU A 32 -4.58 10.70 1.17
N TRP A 33 -4.09 9.59 0.60
CA TRP A 33 -4.78 8.95 -0.50
C TRP A 33 -6.12 8.36 -0.07
N LYS A 34 -6.18 7.80 1.14
CA LYS A 34 -7.39 7.14 1.62
C LYS A 34 -8.29 8.08 2.41
N HIS A 35 -8.01 9.37 2.42
CA HIS A 35 -8.85 10.32 3.14
C HIS A 35 -10.18 10.51 2.42
N GLN A 36 -11.20 10.89 3.18
CA GLN A 36 -12.53 11.07 2.60
C GLN A 36 -12.58 12.26 1.65
N PHE A 37 -11.68 13.23 1.80
CA PHE A 37 -11.61 14.39 0.93
C PHE A 37 -10.59 14.22 -0.19
N ALA A 38 -10.05 13.01 -0.36
CA ALA A 38 -8.99 12.78 -1.33
C ALA A 38 -9.49 12.59 -2.75
N TRP A 39 -10.74 12.19 -2.93
CA TRP A 39 -11.20 11.78 -4.25
C TRP A 39 -11.13 12.87 -5.33
N PRO A 40 -11.30 14.17 -5.04
CA PRO A 40 -11.13 15.16 -6.12
C PRO A 40 -9.69 15.35 -6.56
N PHE A 41 -8.71 14.92 -5.76
CA PHE A 41 -7.31 15.18 -6.03
C PHE A 41 -6.54 13.93 -6.47
N ARG A 42 -7.24 12.82 -6.67
CA ARG A 42 -6.59 11.57 -7.04
C ARG A 42 -6.32 11.44 -8.53
N GLN A 43 -6.79 12.38 -9.34
CA GLN A 43 -6.70 12.29 -10.79
C GLN A 43 -6.49 13.69 -11.34
N PRO A 44 -5.89 13.82 -12.53
CA PRO A 44 -5.75 15.15 -13.14
C PRO A 44 -7.11 15.76 -13.43
N VAL A 45 -7.18 17.09 -13.30
CA VAL A 45 -8.41 17.82 -13.60
C VAL A 45 -8.71 17.70 -15.08
N ASP A 46 -9.82 17.07 -15.42
CA ASP A 46 -10.24 16.89 -16.80
C ASP A 46 -11.07 18.12 -17.19
N ALA A 47 -10.40 19.11 -17.78
CA ALA A 47 -11.07 20.37 -18.11
C ALA A 47 -12.16 20.19 -19.16
N VAL A 48 -12.01 19.19 -20.04
CA VAL A 48 -13.02 18.97 -21.07
C VAL A 48 -14.29 18.39 -20.48
N LYS A 49 -14.16 17.33 -19.68
CA LYS A 49 -15.33 16.69 -19.08
C LYS A 49 -16.04 17.63 -18.10
N LEU A 50 -15.28 18.42 -17.35
CA LEU A 50 -15.83 19.32 -16.36
C LEU A 50 -16.23 20.67 -16.94
N GLY A 51 -16.01 20.90 -18.23
CA GLY A 51 -16.36 22.16 -18.87
C GLY A 51 -15.63 23.36 -18.28
N LEU A 52 -14.30 23.27 -18.21
CA LEU A 52 -13.46 24.34 -17.67
C LEU A 52 -12.53 24.83 -18.78
N PRO A 53 -12.98 25.74 -19.64
CA PRO A 53 -12.11 26.23 -20.72
C PRO A 53 -11.01 27.16 -20.27
N ASP A 54 -10.96 27.53 -18.98
CA ASP A 54 -9.97 28.45 -18.47
C ASP A 54 -9.00 27.84 -17.48
N TYR A 55 -9.14 26.55 -17.16
CA TYR A 55 -8.30 25.94 -16.14
C TYR A 55 -6.84 25.90 -16.57
N HIS A 56 -6.58 25.35 -17.76
CA HIS A 56 -5.21 25.23 -18.25
C HIS A 56 -4.62 26.55 -18.70
N LYS A 57 -5.42 27.61 -18.77
CA LYS A 57 -4.94 28.94 -19.08
C LYS A 57 -4.71 29.81 -17.85
N ILE A 58 -5.22 29.38 -16.69
CA ILE A 58 -4.88 29.99 -15.41
C ILE A 58 -3.85 29.17 -14.66
N ILE A 59 -4.01 27.85 -14.65
CA ILE A 59 -3.09 26.93 -14.00
C ILE A 59 -2.09 26.44 -15.05
N LYS A 60 -0.82 26.84 -14.89
CA LYS A 60 0.19 26.50 -15.88
C LYS A 60 0.89 25.18 -15.61
N GLN A 61 0.76 24.63 -14.41
CA GLN A 61 1.37 23.35 -14.07
C GLN A 61 0.37 22.52 -13.27
N PRO A 62 -0.47 21.75 -13.96
CA PRO A 62 -1.41 20.89 -13.24
C PRO A 62 -0.68 19.81 -12.45
N MET A 63 -1.28 19.41 -11.33
CA MET A 63 -0.68 18.40 -10.48
C MET A 63 -1.79 17.77 -9.63
N ASP A 64 -1.69 16.45 -9.45
CA ASP A 64 -2.66 15.69 -8.67
C ASP A 64 -1.92 14.63 -7.87
N MET A 65 -2.63 14.02 -6.92
CA MET A 65 -2.02 12.98 -6.10
C MET A 65 -1.69 11.74 -6.92
N GLY A 66 -2.49 11.45 -7.95
CA GLY A 66 -2.18 10.32 -8.82
C GLY A 66 -0.87 10.51 -9.56
N THR A 67 -0.61 11.73 -10.04
CA THR A 67 0.66 12.02 -10.70
C THR A 67 1.82 11.91 -9.72
N ILE A 68 1.67 12.47 -8.52
CA ILE A 68 2.72 12.40 -7.52
C ILE A 68 2.99 10.95 -7.12
N LYS A 69 1.94 10.16 -6.98
CA LYS A 69 2.11 8.76 -6.57
C LYS A 69 2.83 7.97 -7.65
N ARG A 70 2.47 8.16 -8.92
CA ARG A 70 3.18 7.49 -10.00
C ARG A 70 4.64 7.93 -10.06
N ARG A 71 4.91 9.19 -9.74
CA ARG A 71 6.29 9.68 -9.76
C ARG A 71 7.13 9.02 -8.69
N LEU A 72 6.56 8.82 -7.49
CA LEU A 72 7.29 8.13 -6.44
C LEU A 72 7.50 6.66 -6.81
N GLU A 73 6.53 6.05 -7.47
CA GLU A 73 6.63 4.65 -7.87
C GLU A 73 7.62 4.43 -9.00
N ASN A 74 7.93 5.48 -9.77
CA ASN A 74 8.87 5.38 -10.89
C ASN A 74 10.23 5.99 -10.56
N ASN A 75 10.45 6.40 -9.32
CA ASN A 75 11.69 7.07 -8.90
C ASN A 75 11.96 8.28 -9.78
N TYR A 76 10.93 9.11 -9.94
CA TYR A 76 11.05 10.30 -10.77
C TYR A 76 11.88 11.37 -10.08
N TYR A 77 11.65 11.58 -8.78
CA TYR A 77 12.27 12.68 -8.05
C TYR A 77 13.73 12.34 -7.71
N TRP A 78 14.56 13.39 -7.69
CA TRP A 78 15.91 13.24 -7.17
C TRP A 78 15.94 13.41 -5.66
N ALA A 79 15.13 14.33 -5.13
CA ALA A 79 15.11 14.64 -3.71
C ALA A 79 13.68 14.90 -3.26
N ALA A 80 13.49 14.91 -1.94
CA ALA A 80 12.15 15.10 -1.38
C ALA A 80 11.60 16.50 -1.64
N SER A 81 12.47 17.50 -1.78
CA SER A 81 12.00 18.85 -2.04
C SER A 81 11.22 18.94 -3.35
N GLU A 82 11.60 18.14 -4.35
CA GLU A 82 10.85 18.13 -5.61
C GLU A 82 9.45 17.56 -5.41
N CYS A 83 9.32 16.54 -4.56
CA CYS A 83 8.01 15.95 -4.33
C CYS A 83 7.13 16.85 -3.48
N MET A 84 7.70 17.49 -2.47
CA MET A 84 6.91 18.40 -1.64
C MET A 84 6.47 19.63 -2.43
N GLN A 85 7.26 20.03 -3.43
CA GLN A 85 6.82 21.11 -4.31
C GLN A 85 5.61 20.71 -5.12
N ASP A 86 5.52 19.43 -5.51
CA ASP A 86 4.34 18.96 -6.23
C ASP A 86 3.09 19.02 -5.36
N PHE A 87 3.22 18.62 -4.10
CA PHE A 87 2.10 18.72 -3.17
C PHE A 87 1.68 20.17 -2.99
N ASN A 88 2.65 21.07 -2.83
CA ASN A 88 2.33 22.50 -2.69
C ASN A 88 1.68 23.02 -3.97
N THR A 89 2.17 22.60 -5.13
CA THR A 89 1.58 23.02 -6.40
C THR A 89 0.13 22.56 -6.51
N MET A 90 -0.16 21.34 -6.08
CA MET A 90 -1.53 20.83 -6.13
C MET A 90 -2.46 21.67 -5.25
N PHE A 91 -2.01 22.00 -4.04
CA PHE A 91 -2.84 22.80 -3.14
C PHE A 91 -3.00 24.22 -3.65
N THR A 92 -1.94 24.80 -4.23
N THR A 92 -1.94 24.80 -4.23
CA THR A 92 -2.01 26.16 -4.73
CA THR A 92 -2.03 26.17 -4.73
C THR A 92 -2.95 26.27 -5.92
C THR A 92 -2.96 26.27 -5.92
N ASN A 93 -2.98 25.24 -6.78
CA ASN A 93 -3.85 25.28 -7.95
C ASN A 93 -5.32 25.30 -7.54
N CYS A 94 -5.67 24.56 -6.48
CA CYS A 94 -7.04 24.57 -6.01
C CYS A 94 -7.41 25.92 -5.41
N TYR A 95 -6.49 26.55 -4.68
CA TYR A 95 -6.78 27.84 -4.07
C TYR A 95 -6.89 28.94 -5.12
N ILE A 96 -5.98 28.96 -6.09
CA ILE A 96 -5.99 30.01 -7.11
C ILE A 96 -7.26 29.94 -7.94
N TYR A 97 -7.60 28.74 -8.43
CA TYR A 97 -8.70 28.61 -9.38
C TYR A 97 -10.05 28.84 -8.70
N ASN A 98 -10.22 28.34 -7.48
CA ASN A 98 -11.51 28.37 -6.80
C ASN A 98 -11.56 29.53 -5.81
N LYS A 99 -12.78 29.85 -5.38
CA LYS A 99 -12.97 30.88 -4.36
C LYS A 99 -12.52 30.36 -2.99
N PRO A 100 -12.05 31.26 -2.12
CA PRO A 100 -11.61 30.81 -0.79
C PRO A 100 -12.72 30.20 0.04
N THR A 101 -13.98 30.46 -0.28
CA THR A 101 -15.10 29.91 0.45
C THR A 101 -15.69 28.66 -0.21
N ASP A 102 -15.09 28.20 -1.31
CA ASP A 102 -15.62 27.02 -2.00
C ASP A 102 -15.44 25.76 -1.16
N ASP A 103 -16.31 24.78 -1.41
CA ASP A 103 -16.24 23.53 -0.68
C ASP A 103 -14.99 22.72 -1.02
N ILE A 104 -14.54 22.80 -2.27
CA ILE A 104 -13.35 22.06 -2.67
C ILE A 104 -12.10 22.63 -2.01
N VAL A 105 -12.13 23.93 -1.69
CA VAL A 105 -10.99 24.55 -1.02
C VAL A 105 -10.88 24.06 0.43
N LEU A 106 -12.04 23.89 1.09
N LEU A 106 -12.03 23.87 1.09
CA LEU A 106 -12.03 23.33 2.44
CA LEU A 106 -12.00 23.33 2.44
C LEU A 106 -11.51 21.90 2.45
C LEU A 106 -11.52 21.88 2.47
N MET A 107 -11.74 21.14 1.38
CA MET A 107 -11.21 19.79 1.29
C MET A 107 -9.70 19.81 1.10
N ALA A 108 -9.19 20.76 0.32
CA ALA A 108 -7.76 20.87 0.12
C ALA A 108 -7.04 21.35 1.38
N GLN A 109 -7.65 22.30 2.10
CA GLN A 109 -7.05 22.78 3.34
C GLN A 109 -7.02 21.68 4.40
N THR A 110 -8.05 20.82 4.42
CA THR A 110 -8.03 19.69 5.34
C THR A 110 -6.90 18.73 5.00
N LEU A 111 -6.68 18.48 3.72
CA LEU A 111 -5.58 17.60 3.31
C LEU A 111 -4.22 18.27 3.50
N GLU A 112 -4.16 19.60 3.37
CA GLU A 112 -2.89 20.29 3.54
C GLU A 112 -2.43 20.27 4.99
N LYS A 113 -3.35 20.47 5.94
CA LYS A 113 -3.00 20.40 7.34
C LYS A 113 -2.50 19.01 7.72
N ILE A 114 -3.16 17.97 7.21
CA ILE A 114 -2.68 16.60 7.44
C ILE A 114 -1.32 16.41 6.79
N PHE A 115 -1.15 16.96 5.58
CA PHE A 115 0.14 16.89 4.90
C PHE A 115 1.25 17.51 5.75
N LEU A 116 1.03 18.74 6.23
CA LEU A 116 2.02 19.41 7.05
C LEU A 116 2.25 18.68 8.36
N GLN A 117 1.23 17.98 8.86
CA GLN A 117 1.40 17.21 10.09
C GLN A 117 2.32 16.02 9.89
N LYS A 118 2.13 15.27 8.79
CA LYS A 118 2.96 14.10 8.54
C LYS A 118 4.38 14.49 8.17
N VAL A 119 4.55 15.58 7.42
CA VAL A 119 5.89 16.03 7.04
C VAL A 119 6.69 16.44 8.27
N ALA A 120 6.01 16.92 9.31
CA ALA A 120 6.70 17.34 10.53
C ALA A 120 7.40 16.19 11.24
N SER A 121 7.06 14.94 10.91
CA SER A 121 7.71 13.77 11.49
C SER A 121 8.61 13.06 10.49
N MET A 122 8.97 13.73 9.39
CA MET A 122 9.87 13.15 8.41
C MET A 122 11.29 13.10 8.96
N PRO A 123 12.08 12.09 8.58
CA PRO A 123 13.51 12.10 8.93
C PRO A 123 14.16 13.43 8.58
N GLN A 124 14.98 13.92 9.51
CA GLN A 124 15.49 15.28 9.40
C GLN A 124 16.43 15.45 8.21
N GLU A 125 17.32 14.49 7.99
CA GLU A 125 18.31 14.57 6.92
C GLU A 125 17.95 13.61 5.80
N GLU A 126 18.06 14.08 4.57
CA GLU A 126 17.81 13.24 3.39
C GLU A 126 18.99 12.33 3.13
N GLN A 127 18.72 11.03 2.99
CA GLN A 127 19.76 10.04 2.78
C GLN A 127 19.31 9.08 1.67
N GLU A 128 20.21 8.82 0.74
CA GLU A 128 19.90 7.98 -0.41
C GLU A 128 19.77 6.51 -0.01
N LEU A 129 18.81 5.82 -0.61
CA LEU A 129 18.58 4.40 -0.39
C LEU A 129 18.99 3.63 -1.64
N VAL A 130 20.03 2.81 -1.51
CA VAL A 130 20.57 2.04 -2.63
C VAL A 130 20.29 0.57 -2.39
N VAL A 131 19.82 -0.11 -3.43
CA VAL A 131 19.49 -1.54 -3.34
C VAL A 131 20.75 -2.35 -3.60
N THR A 132 20.95 -3.38 -2.78
CA THR A 132 22.11 -4.24 -2.91
C THR A 132 21.69 -5.69 -3.16
N GLU B 7 14.07 7.87 20.37
CA GLU B 7 14.67 8.12 19.07
C GLU B 7 14.03 7.27 17.99
N VAL B 8 13.61 7.92 16.90
CA VAL B 8 12.97 7.24 15.78
C VAL B 8 13.84 7.29 14.53
N SER B 9 14.51 8.41 14.29
CA SER B 9 15.41 8.57 13.16
C SER B 9 16.78 8.99 13.66
N ASN B 10 17.83 8.48 13.02
CA ASN B 10 19.18 8.87 13.39
C ASN B 10 20.05 9.02 12.15
N PRO B 11 20.46 10.25 11.83
CA PRO B 11 21.25 10.44 10.60
C PRO B 11 22.60 9.73 10.59
N LYS B 12 23.27 9.64 11.73
CA LYS B 12 24.57 8.98 11.82
C LYS B 12 24.46 7.48 12.03
N LYS B 13 23.25 6.92 11.95
CA LYS B 13 23.03 5.50 12.18
C LYS B 13 22.59 4.82 10.89
N PRO B 14 23.40 3.95 10.30
CA PRO B 14 22.96 3.26 9.08
C PRO B 14 21.83 2.29 9.37
N GLY B 15 20.86 2.27 8.46
CA GLY B 15 19.74 1.35 8.59
C GLY B 15 19.61 0.51 7.34
N ARG B 16 18.91 -0.62 7.43
CA ARG B 16 18.82 -1.53 6.30
C ARG B 16 17.38 -2.00 6.12
N VAL B 17 17.12 -2.52 4.92
CA VAL B 17 15.88 -3.23 4.61
C VAL B 17 16.27 -4.67 4.32
N THR B 18 15.72 -5.60 5.10
CA THR B 18 15.97 -7.02 4.91
C THR B 18 14.65 -7.74 4.70
N ASN B 19 14.76 -8.98 4.21
CA ASN B 19 13.55 -9.79 4.01
C ASN B 19 12.84 -10.04 5.33
N GLN B 20 13.59 -10.18 6.42
CA GLN B 20 12.99 -10.38 7.72
C GLN B 20 12.39 -9.07 8.25
N LEU B 21 13.07 -7.94 8.01
CA LEU B 21 12.57 -6.66 8.48
C LEU B 21 11.28 -6.25 7.77
N GLN B 22 11.23 -6.40 6.45
CA GLN B 22 10.01 -6.07 5.72
C GLN B 22 8.90 -7.05 6.06
N TYR B 23 9.24 -8.29 6.41
CA TYR B 23 8.23 -9.23 6.89
C TYR B 23 7.64 -8.76 8.21
N LEU B 24 8.49 -8.25 9.11
CA LEU B 24 8.00 -7.70 10.38
C LEU B 24 7.12 -6.48 10.15
N HIS B 25 7.40 -5.70 9.11
CA HIS B 25 6.62 -4.49 8.85
C HIS B 25 5.30 -4.79 8.16
N LYS B 26 5.34 -5.59 7.09
CA LYS B 26 4.14 -5.82 6.28
C LYS B 26 3.21 -6.87 6.89
N VAL B 27 3.76 -7.88 7.56
CA VAL B 27 2.99 -9.00 8.08
C VAL B 27 2.79 -8.90 9.59
N VAL B 28 3.88 -8.80 10.34
CA VAL B 28 3.78 -8.81 11.81
C VAL B 28 3.15 -7.52 12.32
N MET B 29 3.69 -6.37 11.90
CA MET B 29 3.20 -5.10 12.42
C MET B 29 1.77 -4.82 11.97
N LYS B 30 1.48 -5.05 10.68
CA LYS B 30 0.14 -4.75 10.18
C LYS B 30 -0.93 -5.64 10.81
N ALA B 31 -0.55 -6.83 11.29
CA ALA B 31 -1.51 -7.67 11.99
C ALA B 31 -1.73 -7.20 13.42
N LEU B 32 -0.67 -6.75 14.09
CA LEU B 32 -0.78 -6.30 15.48
C LEU B 32 -1.33 -4.89 15.57
N TRP B 33 -1.05 -4.03 14.59
CA TRP B 33 -1.42 -2.62 14.70
C TRP B 33 -2.94 -2.44 14.64
N LYS B 34 -3.66 -3.33 13.96
CA LYS B 34 -5.10 -3.22 13.79
C LYS B 34 -5.89 -4.01 14.81
N HIS B 35 -5.23 -4.72 15.71
CA HIS B 35 -5.93 -5.57 16.67
C HIS B 35 -6.71 -4.72 17.66
N GLN B 36 -7.78 -5.31 18.20
CA GLN B 36 -8.63 -4.60 19.16
C GLN B 36 -7.93 -4.33 20.48
N PHE B 37 -6.90 -5.12 20.81
CA PHE B 37 -6.13 -4.93 22.04
C PHE B 37 -4.87 -4.10 21.81
N ALA B 38 -4.72 -3.51 20.61
CA ALA B 38 -3.51 -2.78 20.27
C ALA B 38 -3.47 -1.36 20.83
N TRP B 39 -4.63 -0.78 21.14
CA TRP B 39 -4.67 0.65 21.47
C TRP B 39 -3.84 1.04 22.70
N PRO B 40 -3.65 0.20 23.73
CA PRO B 40 -2.78 0.63 24.84
C PRO B 40 -1.31 0.66 24.47
N PHE B 41 -0.91 0.01 23.38
CA PHE B 41 0.50 -0.12 23.03
C PHE B 41 0.89 0.72 21.82
N ARG B 42 0.00 1.55 21.30
CA ARG B 42 0.30 2.35 20.11
C ARG B 42 1.01 3.66 20.44
N GLN B 43 1.18 4.00 21.71
CA GLN B 43 1.77 5.26 22.12
C GLN B 43 2.60 5.03 23.36
N PRO B 44 3.60 5.89 23.61
CA PRO B 44 4.40 5.74 24.83
C PRO B 44 3.55 5.91 26.08
N VAL B 45 3.90 5.16 27.12
CA VAL B 45 3.21 5.25 28.40
C VAL B 45 3.49 6.63 29.00
N ASP B 46 2.45 7.43 29.14
CA ASP B 46 2.57 8.77 29.72
C ASP B 46 2.38 8.64 31.23
N ALA B 47 3.50 8.50 31.94
CA ALA B 47 3.45 8.27 33.38
C ALA B 47 2.86 9.46 34.12
N VAL B 48 3.02 10.66 33.58
CA VAL B 48 2.50 11.85 34.26
C VAL B 48 0.97 11.89 34.18
N LYS B 49 0.43 11.72 32.97
CA LYS B 49 -1.01 11.77 32.79
C LYS B 49 -1.70 10.62 33.52
N LEU B 50 -1.07 9.44 33.54
CA LEU B 50 -1.65 8.26 34.18
C LEU B 50 -1.32 8.18 35.67
N GLY B 51 -0.56 9.14 36.20
CA GLY B 51 -0.20 9.14 37.60
C GLY B 51 0.62 7.93 38.02
N LEU B 52 1.71 7.67 37.30
CA LEU B 52 2.60 6.55 37.57
C LEU B 52 3.98 7.10 37.93
N PRO B 53 4.21 7.44 39.20
CA PRO B 53 5.52 8.00 39.58
C PRO B 53 6.63 6.96 39.64
N ASP B 54 6.34 5.68 39.44
CA ASP B 54 7.34 4.62 39.53
C ASP B 54 7.61 3.91 38.22
N TYR B 55 6.95 4.30 37.13
CA TYR B 55 7.09 3.57 35.88
C TYR B 55 8.50 3.72 35.31
N HIS B 56 8.98 4.96 35.17
CA HIS B 56 10.29 5.20 34.59
C HIS B 56 11.45 4.86 35.51
N LYS B 57 11.19 4.56 36.78
CA LYS B 57 12.22 4.08 37.68
C LYS B 57 12.22 2.56 37.84
N ILE B 58 11.17 1.89 37.37
CA ILE B 58 11.16 0.44 37.27
C ILE B 58 11.45 -0.01 35.85
N ILE B 59 10.84 0.65 34.87
CA ILE B 59 11.06 0.37 33.45
C ILE B 59 12.10 1.34 32.94
N LYS B 60 13.29 0.83 32.61
CA LYS B 60 14.40 1.67 32.18
C LYS B 60 14.46 1.86 30.67
N GLN B 61 13.71 1.07 29.90
CA GLN B 61 13.68 1.19 28.44
C GLN B 61 12.25 1.10 27.96
N PRO B 62 11.53 2.23 27.91
CA PRO B 62 10.17 2.23 27.39
C PRO B 62 10.14 1.92 25.90
N MET B 63 9.05 1.26 25.48
CA MET B 63 8.89 0.90 24.08
C MET B 63 7.41 0.66 23.79
N ASP B 64 6.96 1.10 22.62
CA ASP B 64 5.57 0.95 22.20
C ASP B 64 5.55 0.60 20.71
N MET B 65 4.38 0.17 20.24
CA MET B 65 4.25 -0.19 18.82
C MET B 65 4.35 1.03 17.92
N GLY B 66 3.90 2.19 18.39
CA GLY B 66 4.02 3.40 17.58
C GLY B 66 5.46 3.75 17.28
N THR B 67 6.34 3.60 18.27
CA THR B 67 7.77 3.82 18.04
C THR B 67 8.33 2.78 17.07
N ILE B 68 7.95 1.51 17.26
CA ILE B 68 8.46 0.45 16.37
C ILE B 68 7.97 0.68 14.95
N LYS B 69 6.72 1.10 14.78
CA LYS B 69 6.19 1.32 13.44
C LYS B 69 6.91 2.48 12.75
N ARG B 70 7.13 3.59 13.47
CA ARG B 70 7.86 4.70 12.90
C ARG B 70 9.30 4.32 12.58
N ARG B 71 9.90 3.46 13.39
CA ARG B 71 11.26 3.01 13.13
C ARG B 71 11.33 2.14 11.88
N LEU B 72 10.34 1.28 11.68
CA LEU B 72 10.30 0.47 10.46
C LEU B 72 10.05 1.34 9.23
N GLU B 73 9.22 2.38 9.36
CA GLU B 73 8.92 3.24 8.24
C GLU B 73 10.09 4.16 7.87
N ASN B 74 11.03 4.37 8.79
CA ASN B 74 12.18 5.23 8.55
C ASN B 74 13.46 4.44 8.32
N ASN B 75 13.37 3.12 8.24
CA ASN B 75 14.55 2.25 8.08
C ASN B 75 15.56 2.49 9.20
N TYR B 76 15.05 2.49 10.44
CA TYR B 76 15.89 2.73 11.60
C TYR B 76 16.77 1.53 11.91
N TYR B 77 16.21 0.33 11.84
CA TYR B 77 16.90 -0.87 12.32
C TYR B 77 17.99 -1.32 11.36
N TRP B 78 19.05 -1.90 11.94
CA TRP B 78 20.08 -2.55 11.15
C TRP B 78 19.70 -3.98 10.77
N ALA B 79 19.08 -4.72 11.69
CA ALA B 79 18.72 -6.10 11.47
C ALA B 79 17.39 -6.38 12.15
N ALA B 80 16.80 -7.54 11.81
CA ALA B 80 15.50 -7.90 12.36
C ALA B 80 15.57 -8.14 13.86
N SER B 81 16.72 -8.59 14.36
CA SER B 81 16.86 -8.80 15.80
C SER B 81 16.70 -7.50 16.57
N GLU B 82 17.12 -6.38 15.99
CA GLU B 82 16.96 -5.09 16.65
C GLU B 82 15.49 -4.69 16.73
N CYS B 83 14.71 -5.02 15.69
CA CYS B 83 13.28 -4.75 15.74
C CYS B 83 12.57 -5.72 16.67
N MET B 84 12.97 -7.00 16.65
CA MET B 84 12.36 -7.98 17.53
C MET B 84 12.72 -7.71 18.99
N GLN B 85 13.87 -7.09 19.25
CA GLN B 85 14.21 -6.71 20.61
C GLN B 85 13.26 -5.62 21.12
N ASP B 86 12.84 -4.72 20.24
CA ASP B 86 11.88 -3.70 20.64
C ASP B 86 10.52 -4.32 20.94
N PHE B 87 10.07 -5.26 20.10
CA PHE B 87 8.82 -5.98 20.37
C PHE B 87 8.91 -6.71 21.70
N ASN B 88 10.03 -7.40 21.95
CA ASN B 88 10.20 -8.10 23.22
C ASN B 88 10.25 -7.12 24.39
N THR B 89 10.92 -5.97 24.21
CA THR B 89 10.99 -4.99 25.29
C THR B 89 9.61 -4.47 25.66
N MET B 90 8.75 -4.24 24.67
CA MET B 90 7.41 -3.73 24.94
C MET B 90 6.61 -4.73 25.76
N PHE B 91 6.69 -6.01 25.42
CA PHE B 91 5.95 -7.03 26.17
C PHE B 91 6.52 -7.21 27.57
N THR B 92 7.85 -7.14 27.71
N THR B 92 7.84 -7.15 27.71
CA THR B 92 8.46 -7.32 29.02
CA THR B 92 8.46 -7.33 29.02
C THR B 92 8.11 -6.19 29.96
C THR B 92 8.10 -6.18 29.96
N ASN B 93 8.03 -4.95 29.45
CA ASN B 93 7.69 -3.81 30.28
C ASN B 93 6.28 -3.93 30.83
N CYS B 94 5.35 -4.45 30.03
CA CYS B 94 3.98 -4.64 30.50
C CYS B 94 3.90 -5.71 31.58
N TYR B 95 4.65 -6.80 31.41
CA TYR B 95 4.61 -7.90 32.37
C TYR B 95 5.25 -7.50 33.70
N ILE B 96 6.39 -6.81 33.64
CA ILE B 96 7.10 -6.43 34.86
C ILE B 96 6.25 -5.47 35.69
N TYR B 97 5.72 -4.43 35.05
CA TYR B 97 5.06 -3.36 35.79
C TYR B 97 3.72 -3.82 36.36
N ASN B 98 2.96 -4.60 35.61
CA ASN B 98 1.61 -4.98 36.00
C ASN B 98 1.58 -6.39 36.60
N LYS B 99 0.47 -6.70 37.28
CA LYS B 99 0.29 -8.02 37.84
C LYS B 99 -0.04 -9.02 36.73
N PRO B 100 0.35 -10.29 36.91
CA PRO B 100 0.06 -11.28 35.86
C PRO B 100 -1.42 -11.52 35.62
N THR B 101 -2.28 -11.16 36.56
CA THR B 101 -3.73 -11.32 36.39
C THR B 101 -4.42 -10.07 35.89
N ASP B 102 -3.68 -8.99 35.64
CA ASP B 102 -4.29 -7.75 35.18
C ASP B 102 -4.84 -7.90 33.77
N ASP B 103 -5.84 -7.07 33.45
CA ASP B 103 -6.43 -7.10 32.11
C ASP B 103 -5.45 -6.62 31.05
N ILE B 104 -4.59 -5.66 31.40
CA ILE B 104 -3.63 -5.15 30.43
C ILE B 104 -2.60 -6.22 30.07
N VAL B 105 -2.31 -7.14 31.00
CA VAL B 105 -1.39 -8.23 30.70
C VAL B 105 -2.03 -9.23 29.75
N LEU B 106 -3.34 -9.47 29.90
N LEU B 106 -3.34 -9.47 29.90
CA LEU B 106 -4.05 -10.36 29.00
CA LEU B 106 -4.02 -10.38 28.98
C LEU B 106 -4.09 -9.82 27.58
C LEU B 106 -4.06 -9.81 27.57
N MET B 107 -4.18 -8.48 27.44
CA MET B 107 -4.15 -7.88 26.11
C MET B 107 -2.76 -8.00 25.48
N ALA B 108 -1.71 -7.87 26.30
CA ALA B 108 -0.35 -8.02 25.78
C ALA B 108 -0.05 -9.47 25.42
N GLN B 109 -0.52 -10.41 26.23
CA GLN B 109 -0.31 -11.82 25.92
C GLN B 109 -1.04 -12.23 24.65
N THR B 110 -2.22 -11.65 24.40
CA THR B 110 -2.94 -11.92 23.16
C THR B 110 -2.15 -11.42 21.96
N LEU B 111 -1.54 -10.23 22.08
CA LEU B 111 -0.73 -9.72 20.98
C LEU B 111 0.57 -10.48 20.82
N GLU B 112 1.12 -11.00 21.92
CA GLU B 112 2.37 -11.74 21.83
C GLU B 112 2.16 -13.09 21.15
N LYS B 113 1.04 -13.76 21.43
CA LYS B 113 0.75 -15.02 20.74
C LYS B 113 0.63 -14.81 19.24
N ILE B 114 -0.04 -13.74 18.82
CA ILE B 114 -0.11 -13.42 17.40
C ILE B 114 1.27 -13.07 16.86
N PHE B 115 2.06 -12.35 17.65
CA PHE B 115 3.43 -12.03 17.26
C PHE B 115 4.23 -13.31 17.01
N LEU B 116 4.21 -14.24 17.97
CA LEU B 116 4.94 -15.49 17.81
C LEU B 116 4.40 -16.33 16.67
N GLN B 117 3.09 -16.24 16.40
CA GLN B 117 2.52 -16.98 15.27
C GLN B 117 3.06 -16.48 13.94
N LYS B 118 3.17 -15.15 13.79
CA LYS B 118 3.68 -14.59 12.55
C LYS B 118 5.19 -14.75 12.43
N VAL B 119 5.92 -14.62 13.54
CA VAL B 119 7.37 -14.78 13.50
C VAL B 119 7.74 -16.21 13.13
N ALA B 120 6.90 -17.18 13.50
CA ALA B 120 7.18 -18.57 13.17
C ALA B 120 7.19 -18.83 11.67
N SER B 121 6.63 -17.91 10.87
CA SER B 121 6.64 -18.02 9.42
C SER B 121 7.56 -16.98 8.78
N MET B 122 8.48 -16.41 9.55
CA MET B 122 9.42 -15.45 9.02
C MET B 122 10.44 -16.15 8.13
N PRO B 123 10.93 -15.46 7.08
CA PRO B 123 12.01 -16.03 6.27
C PRO B 123 13.17 -16.50 7.13
N GLN B 124 13.68 -17.69 6.82
CA GLN B 124 14.65 -18.34 7.69
C GLN B 124 15.98 -17.59 7.70
N GLU B 125 16.44 -17.13 6.54
CA GLU B 125 17.72 -16.46 6.41
C GLU B 125 17.49 -14.97 6.19
N GLU B 126 18.25 -14.14 6.91
CA GLU B 126 18.19 -12.71 6.73
C GLU B 126 18.98 -12.31 5.49
N GLN B 127 18.32 -11.60 4.57
CA GLN B 127 18.94 -11.20 3.31
C GLN B 127 18.82 -9.69 3.15
N GLU B 128 19.96 -9.03 3.00
CA GLU B 128 19.99 -7.59 2.84
C GLU B 128 19.39 -7.17 1.50
N LEU B 129 18.56 -6.12 1.53
CA LEU B 129 17.94 -5.58 0.32
C LEU B 129 18.40 -4.17 -0.01
N VAL B 130 18.37 -3.26 0.96
CA VAL B 130 18.74 -1.87 0.71
C VAL B 130 19.41 -1.29 1.95
N VAL B 131 20.23 -0.25 1.72
CA VAL B 131 20.95 0.42 2.78
C VAL B 131 20.71 1.93 2.68
N THR B 132 20.99 2.62 3.77
CA THR B 132 20.98 4.08 3.81
C THR B 132 22.41 4.61 3.71
N ILE B 133 22.55 5.83 3.22
CA ILE B 133 23.86 6.45 3.10
C ILE B 133 23.93 7.72 3.93
N LYS C 13 13.76 -15.29 -14.52
CA LYS C 13 14.09 -14.65 -13.25
C LYS C 13 14.29 -13.13 -13.36
N PRO C 14 15.11 -12.65 -14.30
CA PRO C 14 15.28 -11.19 -14.41
C PRO C 14 14.03 -10.52 -14.94
N GLY C 15 13.66 -9.40 -14.32
CA GLY C 15 12.49 -8.65 -14.72
C GLY C 15 12.81 -7.19 -14.95
N ARG C 16 11.88 -6.51 -15.61
CA ARG C 16 12.01 -5.09 -15.94
C ARG C 16 10.72 -4.38 -15.59
N VAL C 17 10.81 -3.07 -15.46
CA VAL C 17 9.64 -2.21 -15.30
C VAL C 17 9.52 -1.34 -16.54
N THR C 18 8.40 -1.47 -17.24
CA THR C 18 8.12 -0.69 -18.43
C THR C 18 6.82 0.08 -18.26
N ASN C 19 6.62 1.07 -19.13
CA ASN C 19 5.39 1.86 -19.08
C ASN C 19 4.17 0.99 -19.38
N GLN C 20 4.32 0.01 -20.26
CA GLN C 20 3.20 -0.87 -20.57
C GLN C 20 2.94 -1.88 -19.46
N LEU C 21 4.01 -2.36 -18.81
CA LEU C 21 3.83 -3.33 -17.73
C LEU C 21 3.11 -2.70 -16.54
N GLN C 22 3.49 -1.49 -16.15
CA GLN C 22 2.79 -0.81 -15.08
C GLN C 22 1.37 -0.44 -15.50
N TYR C 23 1.16 -0.19 -16.80
CA TYR C 23 -0.20 0.03 -17.30
C TYR C 23 -1.05 -1.22 -17.15
N LEU C 24 -0.47 -2.39 -17.44
CA LEU C 24 -1.19 -3.65 -17.25
C LEU C 24 -1.50 -3.90 -15.78
N HIS C 25 -0.64 -3.44 -14.88
CA HIS C 25 -0.84 -3.67 -13.45
C HIS C 25 -1.85 -2.68 -12.86
N LYS C 26 -1.68 -1.39 -13.16
CA LYS C 26 -2.48 -0.35 -12.53
C LYS C 26 -3.83 -0.12 -13.20
N VAL C 27 -3.95 -0.40 -14.50
CA VAL C 27 -5.17 -0.16 -15.25
C VAL C 27 -5.88 -1.47 -15.61
N VAL C 28 -5.19 -2.37 -16.30
CA VAL C 28 -5.83 -3.60 -16.76
C VAL C 28 -6.12 -4.53 -15.59
N MET C 29 -5.10 -4.80 -14.76
CA MET C 29 -5.28 -5.74 -13.67
C MET C 29 -6.24 -5.21 -12.62
N LYS C 30 -6.15 -3.91 -12.30
CA LYS C 30 -7.01 -3.33 -11.27
C LYS C 30 -8.48 -3.38 -11.69
N ALA C 31 -8.76 -3.23 -12.97
CA ALA C 31 -10.14 -3.29 -13.45
C ALA C 31 -10.66 -4.72 -13.49
N LEU C 32 -9.81 -5.67 -13.88
CA LEU C 32 -10.24 -7.06 -13.99
C LEU C 32 -10.28 -7.78 -12.64
N TRP C 33 -9.41 -7.40 -11.70
CA TRP C 33 -9.30 -8.16 -10.46
C TRP C 33 -10.55 -8.05 -9.61
N LYS C 34 -11.18 -6.88 -9.58
CA LYS C 34 -12.33 -6.64 -8.73
C LYS C 34 -13.66 -6.78 -9.46
N HIS C 35 -13.66 -7.33 -10.68
CA HIS C 35 -14.90 -7.55 -11.41
C HIS C 35 -15.66 -8.71 -10.78
N GLN C 36 -16.99 -8.69 -10.96
CA GLN C 36 -17.83 -9.72 -10.37
C GLN C 36 -17.60 -11.10 -11.00
N PHE C 37 -17.10 -11.16 -12.22
CA PHE C 37 -16.82 -12.41 -12.89
C PHE C 37 -15.36 -12.85 -12.73
N ALA C 38 -14.60 -12.16 -11.88
CA ALA C 38 -13.18 -12.43 -11.73
C ALA C 38 -12.88 -13.61 -10.80
N TRP C 39 -13.81 -13.95 -9.91
CA TRP C 39 -13.49 -14.92 -8.87
C TRP C 39 -13.10 -16.32 -9.37
N PRO C 40 -13.60 -16.84 -10.50
CA PRO C 40 -13.12 -18.17 -10.93
C PRO C 40 -11.69 -18.15 -11.45
N PHE C 41 -11.14 -16.97 -11.79
CA PHE C 41 -9.84 -16.87 -12.42
C PHE C 41 -8.78 -16.30 -11.47
N ARG C 42 -9.12 -16.13 -10.19
CA ARG C 42 -8.19 -15.55 -9.23
C ARG C 42 -7.23 -16.58 -8.64
N GLN C 43 -7.41 -17.86 -8.95
CA GLN C 43 -6.61 -18.94 -8.41
C GLN C 43 -6.42 -19.99 -9.47
N PRO C 44 -5.36 -20.80 -9.37
CA PRO C 44 -5.16 -21.89 -10.33
C PRO C 44 -6.29 -22.91 -10.25
N VAL C 45 -6.63 -23.47 -11.40
CA VAL C 45 -7.65 -24.51 -11.47
C VAL C 45 -7.16 -25.74 -10.72
N ASP C 46 -7.84 -26.09 -9.63
CA ASP C 46 -7.48 -27.26 -8.82
C ASP C 46 -8.21 -28.46 -9.39
N ALA C 47 -7.53 -29.20 -10.27
CA ALA C 47 -8.15 -30.33 -10.95
C ALA C 47 -8.54 -31.44 -9.97
N VAL C 48 -7.83 -31.56 -8.84
CA VAL C 48 -8.15 -32.59 -7.87
C VAL C 48 -9.44 -32.24 -7.13
N LYS C 49 -9.53 -31.01 -6.61
CA LYS C 49 -10.73 -30.61 -5.88
C LYS C 49 -11.95 -30.57 -6.79
N LEU C 50 -11.77 -30.14 -8.04
CA LEU C 50 -12.87 -30.01 -8.97
C LEU C 50 -13.17 -31.31 -9.72
N GLY C 51 -12.40 -32.37 -9.48
CA GLY C 51 -12.62 -33.63 -10.17
C GLY C 51 -12.45 -33.54 -11.67
N LEU C 52 -11.31 -33.00 -12.12
CA LEU C 52 -11.01 -32.84 -13.55
C LEU C 52 -9.78 -33.68 -13.89
N PRO C 53 -9.95 -34.97 -14.19
CA PRO C 53 -8.79 -35.81 -14.50
C PRO C 53 -8.19 -35.53 -15.87
N ASP C 54 -8.80 -34.68 -16.69
CA ASP C 54 -8.33 -34.41 -18.04
C ASP C 54 -7.86 -32.97 -18.24
N TYR C 55 -7.93 -32.12 -17.21
CA TYR C 55 -7.60 -30.72 -17.40
C TYR C 55 -6.12 -30.52 -17.73
N HIS C 56 -5.23 -31.09 -16.91
CA HIS C 56 -3.81 -30.91 -17.13
C HIS C 56 -3.29 -31.74 -18.30
N LYS C 57 -4.11 -32.62 -18.87
CA LYS C 57 -3.74 -33.36 -20.05
C LYS C 57 -4.31 -32.75 -21.33
N ILE C 58 -5.26 -31.82 -21.20
CA ILE C 58 -5.71 -31.00 -22.32
C ILE C 58 -5.09 -29.61 -22.27
N ILE C 59 -5.02 -29.01 -21.09
CA ILE C 59 -4.44 -27.69 -20.90
C ILE C 59 -2.98 -27.89 -20.49
N LYS C 60 -2.05 -27.50 -21.35
CA LYS C 60 -0.64 -27.71 -21.10
C LYS C 60 0.03 -26.56 -20.34
N GLN C 61 -0.62 -25.39 -20.28
CA GLN C 61 -0.07 -24.24 -19.56
C GLN C 61 -1.16 -23.57 -18.75
N PRO C 62 -1.39 -24.00 -17.52
CA PRO C 62 -2.38 -23.33 -16.67
C PRO C 62 -1.94 -21.92 -16.32
N MET C 63 -2.92 -21.03 -16.17
CA MET C 63 -2.65 -19.64 -15.84
C MET C 63 -3.89 -19.02 -15.22
N ASP C 64 -3.67 -18.17 -14.22
CA ASP C 64 -4.75 -17.49 -13.53
C ASP C 64 -4.33 -16.05 -13.25
N MET C 65 -5.32 -15.22 -12.89
CA MET C 65 -5.03 -13.82 -12.59
C MET C 65 -4.21 -13.66 -11.32
N GLY C 66 -4.39 -14.56 -10.35
CA GLY C 66 -3.59 -14.49 -9.14
C GLY C 66 -2.11 -14.64 -9.41
N THR C 67 -1.75 -15.56 -10.31
CA THR C 67 -0.35 -15.69 -10.71
C THR C 67 0.13 -14.45 -11.46
N ILE C 68 -0.70 -13.93 -12.36
CA ILE C 68 -0.32 -12.75 -13.12
C ILE C 68 -0.13 -11.55 -12.19
N LYS C 69 -0.98 -11.43 -11.17
CA LYS C 69 -0.87 -10.32 -10.24
C LYS C 69 0.44 -10.39 -9.46
N ARG C 70 0.76 -11.56 -8.91
CA ARG C 70 2.01 -11.71 -8.17
C ARG C 70 3.22 -11.48 -9.08
N ARG C 71 3.09 -11.78 -10.37
CA ARG C 71 4.20 -11.58 -11.29
C ARG C 71 4.43 -10.09 -11.54
N LEU C 72 3.35 -9.31 -11.69
CA LEU C 72 3.49 -7.88 -11.85
C LEU C 72 4.01 -7.22 -10.58
N GLU C 73 3.59 -7.73 -9.42
CA GLU C 73 4.04 -7.16 -8.15
C GLU C 73 5.49 -7.52 -7.83
N ASN C 74 6.03 -8.57 -8.45
CA ASN C 74 7.40 -9.00 -8.21
C ASN C 74 8.33 -8.64 -9.37
N ASN C 75 7.84 -7.89 -10.36
CA ASN C 75 8.61 -7.55 -11.56
C ASN C 75 9.13 -8.81 -12.24
N TYR C 76 8.22 -9.77 -12.46
CA TYR C 76 8.58 -11.03 -13.08
C TYR C 76 8.83 -10.88 -14.58
N TYR C 77 7.99 -10.12 -15.27
CA TYR C 77 8.00 -10.08 -16.72
C TYR C 77 9.19 -9.27 -17.25
N TRP C 78 9.69 -9.70 -18.41
CA TRP C 78 10.68 -8.92 -19.13
C TRP C 78 10.05 -7.83 -19.98
N ALA C 79 8.91 -8.13 -20.60
CA ALA C 79 8.22 -7.18 -21.48
C ALA C 79 6.73 -7.36 -21.32
N ALA C 80 5.98 -6.38 -21.83
CA ALA C 80 4.52 -6.43 -21.71
C ALA C 80 3.93 -7.57 -22.52
N SER C 81 4.58 -7.96 -23.61
CA SER C 81 4.08 -9.06 -24.43
C SER C 81 4.06 -10.37 -23.64
N GLU C 82 4.94 -10.50 -22.65
CA GLU C 82 4.93 -11.70 -21.81
C GLU C 82 3.73 -11.69 -20.85
N CYS C 83 3.40 -10.52 -20.30
CA CYS C 83 2.23 -10.43 -19.43
C CYS C 83 0.95 -10.63 -20.21
N MET C 84 0.86 -10.05 -21.42
CA MET C 84 -0.32 -10.24 -22.24
C MET C 84 -0.43 -11.69 -22.73
N GLN C 85 0.70 -12.38 -22.85
CA GLN C 85 0.66 -13.80 -23.20
C GLN C 85 0.02 -14.61 -22.08
N ASP C 86 0.28 -14.22 -20.83
CA ASP C 86 -0.37 -14.89 -19.70
C ASP C 86 -1.87 -14.63 -19.70
N PHE C 87 -2.28 -13.39 -19.93
CA PHE C 87 -3.70 -13.09 -20.04
C PHE C 87 -4.34 -13.86 -21.18
N ASN C 88 -3.66 -13.91 -22.34
CA ASN C 88 -4.19 -14.68 -23.46
C ASN C 88 -4.25 -16.16 -23.12
N THR C 89 -3.22 -16.67 -22.45
CA THR C 89 -3.23 -18.09 -22.08
C THR C 89 -4.40 -18.43 -21.16
N MET C 90 -4.70 -17.53 -20.21
CA MET C 90 -5.81 -17.77 -19.30
C MET C 90 -7.14 -17.84 -20.04
N PHE C 91 -7.36 -16.92 -20.98
CA PHE C 91 -8.62 -16.93 -21.73
C PHE C 91 -8.70 -18.13 -22.66
N THR C 92 -7.57 -18.53 -23.26
N THR C 92 -7.58 -18.53 -23.26
CA THR C 92 -7.58 -19.67 -24.17
CA THR C 92 -7.59 -19.67 -24.17
C THR C 92 -7.88 -20.96 -23.44
C THR C 92 -7.90 -20.96 -23.43
N ASN C 93 -7.37 -21.12 -22.21
CA ASN C 93 -7.59 -22.35 -21.46
C ASN C 93 -9.07 -22.52 -21.11
N CYS C 94 -9.76 -21.43 -20.79
CA CYS C 94 -11.18 -21.52 -20.48
C CYS C 94 -11.99 -21.89 -21.71
N TYR C 95 -11.66 -21.33 -22.87
CA TYR C 95 -12.42 -21.60 -24.08
C TYR C 95 -12.21 -23.03 -24.56
N ILE C 96 -10.95 -23.51 -24.54
CA ILE C 96 -10.65 -24.84 -25.03
C ILE C 96 -11.34 -25.90 -24.17
N TYR C 97 -11.20 -25.77 -22.85
CA TYR C 97 -11.67 -26.83 -21.95
C TYR C 97 -13.19 -26.87 -21.89
N ASN C 98 -13.84 -25.72 -21.87
CA ASN C 98 -15.28 -25.63 -21.67
C ASN C 98 -16.03 -25.47 -22.99
N LYS C 99 -17.32 -25.73 -22.93
CA LYS C 99 -18.19 -25.56 -24.09
C LYS C 99 -18.42 -24.07 -24.36
N PRO C 100 -18.62 -23.69 -25.62
CA PRO C 100 -18.84 -22.26 -25.93
C PRO C 100 -20.09 -21.68 -25.30
N THR C 101 -21.05 -22.52 -24.90
CA THR C 101 -22.28 -22.05 -24.26
C THR C 101 -22.22 -22.11 -22.75
N ASP C 102 -21.09 -22.51 -22.18
CA ASP C 102 -20.98 -22.63 -20.73
C ASP C 102 -21.01 -21.26 -20.06
N ASP C 103 -21.44 -21.25 -18.80
CA ASP C 103 -21.50 -20.01 -18.05
C ASP C 103 -20.10 -19.45 -17.76
N ILE C 104 -19.12 -20.33 -17.55
CA ILE C 104 -17.76 -19.88 -17.28
C ILE C 104 -17.15 -19.20 -18.50
N VAL C 105 -17.58 -19.59 -19.70
CA VAL C 105 -17.07 -18.96 -20.92
C VAL C 105 -17.64 -17.56 -21.07
N LEU C 106 -18.93 -17.37 -20.73
CA LEU C 106 -19.50 -16.04 -20.76
C LEU C 106 -18.80 -15.09 -19.79
N MET C 107 -18.35 -15.62 -18.65
CA MET C 107 -17.61 -14.80 -17.69
C MET C 107 -16.24 -14.45 -18.24
N ALA C 108 -15.60 -15.37 -18.95
CA ALA C 108 -14.28 -15.09 -19.53
C ALA C 108 -14.38 -14.08 -20.66
N GLN C 109 -15.42 -14.19 -21.50
CA GLN C 109 -15.60 -13.23 -22.58
C GLN C 109 -15.87 -11.83 -22.04
N THR C 110 -16.60 -11.73 -20.93
CA THR C 110 -16.83 -10.43 -20.30
C THR C 110 -15.53 -9.82 -19.81
N LEU C 111 -14.66 -10.64 -19.21
CA LEU C 111 -13.37 -10.14 -18.75
C LEU C 111 -12.43 -9.87 -19.94
N GLU C 112 -12.56 -10.66 -21.01
CA GLU C 112 -11.71 -10.45 -22.17
C GLU C 112 -12.08 -9.17 -22.91
N LYS C 113 -13.38 -8.88 -23.02
CA LYS C 113 -13.81 -7.64 -23.66
C LYS C 113 -13.27 -6.42 -22.91
N ILE C 114 -13.32 -6.45 -21.59
CA ILE C 114 -12.73 -5.37 -20.80
C ILE C 114 -11.22 -5.34 -20.99
N PHE C 115 -10.60 -6.52 -21.05
CA PHE C 115 -9.16 -6.60 -21.30
C PHE C 115 -8.79 -5.95 -22.63
N LEU C 116 -9.48 -6.33 -23.71
CA LEU C 116 -9.18 -5.77 -25.02
C LEU C 116 -9.46 -4.28 -25.08
N GLN C 117 -10.48 -3.80 -24.37
CA GLN C 117 -10.80 -2.38 -24.39
C GLN C 117 -9.75 -1.55 -23.66
N LYS C 118 -9.27 -2.03 -22.51
CA LYS C 118 -8.28 -1.28 -21.76
C LYS C 118 -6.91 -1.34 -22.43
N VAL C 119 -6.56 -2.49 -23.01
CA VAL C 119 -5.29 -2.63 -23.72
C VAL C 119 -5.25 -1.71 -24.94
N ALA C 120 -6.40 -1.43 -25.53
CA ALA C 120 -6.44 -0.55 -26.70
C ALA C 120 -5.98 0.86 -26.38
N SER C 121 -5.91 1.23 -25.10
CA SER C 121 -5.40 2.53 -24.68
C SER C 121 -4.03 2.43 -24.02
N MET C 122 -3.32 1.32 -24.24
CA MET C 122 -1.99 1.15 -23.68
C MET C 122 -0.99 2.06 -24.40
N PRO C 123 0.02 2.55 -23.68
CA PRO C 123 1.11 3.29 -24.35
C PRO C 123 1.67 2.53 -25.54
N GLN C 124 1.86 3.24 -26.64
CA GLN C 124 2.19 2.59 -27.92
C GLN C 124 3.60 2.00 -27.89
N GLU C 125 4.56 2.72 -27.30
CA GLU C 125 5.95 2.32 -27.31
C GLU C 125 6.37 1.82 -25.93
N GLU C 126 7.13 0.71 -25.92
CA GLU C 126 7.67 0.18 -24.68
C GLU C 126 8.87 1.01 -24.25
N GLN C 127 8.82 1.54 -23.03
CA GLN C 127 9.88 2.36 -22.47
C GLN C 127 10.20 1.85 -21.07
N GLU C 128 11.45 1.47 -20.84
CA GLU C 128 11.85 0.92 -19.56
C GLU C 128 12.23 2.02 -18.58
N LEU C 129 11.76 1.90 -17.35
CA LEU C 129 12.08 2.80 -16.26
C LEU C 129 12.86 2.03 -15.20
N VAL C 130 13.06 2.67 -14.04
CA VAL C 130 13.75 2.02 -12.93
C VAL C 130 13.25 2.58 -11.61
N TRP D 2 -19.61 19.04 -2.42
CA TRP D 2 -20.99 18.68 -2.13
C TRP D 2 -22.01 19.73 -2.55
N GLY D 4 -20.62 22.78 -4.64
CA GLY D 4 -19.98 23.61 -5.65
C GLY D 4 -20.13 23.05 -7.06
N TYR D 5 -20.14 23.92 -8.07
CA TYR D 5 -20.28 23.46 -9.45
C TYR D 5 -19.16 22.49 -9.83
N LEU D 6 -17.91 22.87 -9.56
CA LEU D 6 -16.78 22.03 -9.95
C LEU D 6 -16.78 20.71 -9.18
N CYS D 7 -17.08 20.76 -7.88
CA CYS D 7 -17.04 19.55 -7.07
C CYS D 7 -18.16 18.59 -7.46
N LEU D 8 -19.35 19.12 -7.75
CA LEU D 8 -20.45 18.25 -8.16
C LEU D 8 -20.22 17.70 -9.56
N ARG D 9 -19.63 18.50 -10.45
CA ARG D 9 -19.28 18.04 -11.78
C ARG D 9 -18.20 16.95 -11.71
N ARG D 11 -17.93 14.99 -9.19
CA ARG D 11 -18.63 13.85 -8.60
C ARG D 11 -19.44 13.09 -9.65
N ILE D 12 -20.03 13.83 -10.60
CA ILE D 12 -20.76 13.18 -11.69
C ILE D 12 -19.81 12.34 -12.53
N GLN D 13 -18.62 12.87 -12.84
CA GLN D 13 -17.66 12.13 -13.63
C GLN D 13 -17.09 10.93 -12.87
N ARG D 14 -17.06 11.01 -11.54
CA ARG D 14 -16.50 9.91 -10.75
C ARG D 14 -17.34 8.65 -10.88
N THR D 15 -18.66 8.79 -10.88
CA THR D 15 -19.57 7.66 -11.03
C THR D 15 -19.47 7.00 -12.40
N TYR D 16 -18.79 7.63 -13.36
CA TYR D 16 -18.65 7.07 -14.69
C TYR D 16 -17.40 6.22 -14.81
N TRP E 2 -22.80 -20.33 -12.46
CA TRP E 2 -24.03 -20.36 -11.68
C TRP E 2 -24.96 -21.49 -12.07
N GLY E 4 -23.32 -24.26 -14.32
CA GLY E 4 -22.42 -25.24 -14.91
C GLY E 4 -21.72 -26.10 -13.88
N TYR E 5 -21.37 -27.35 -14.26
CA TYR E 5 -20.72 -28.25 -13.33
C TYR E 5 -19.41 -27.68 -12.80
N LEU E 6 -18.54 -27.21 -13.70
CA LEU E 6 -17.24 -26.71 -13.28
C LEU E 6 -17.36 -25.45 -12.44
N CYS E 7 -18.23 -24.53 -12.84
CA CYS E 7 -18.36 -23.27 -12.11
C CYS E 7 -18.97 -23.48 -10.74
N LEU E 8 -19.96 -24.38 -10.63
CA LEU E 8 -20.56 -24.65 -9.33
C LEU E 8 -19.60 -25.39 -8.41
N ARG E 9 -18.78 -26.28 -8.97
CA ARG E 9 -17.76 -26.97 -8.19
C ARG E 9 -16.71 -25.97 -7.69
N ARG E 11 -17.40 -22.97 -7.09
CA ARG E 11 -18.15 -22.19 -6.11
C ARG E 11 -18.20 -22.93 -4.77
N ILE E 12 -18.35 -24.25 -4.84
CA ILE E 12 -18.33 -25.06 -3.63
C ILE E 12 -16.96 -24.99 -2.96
N GLN E 13 -15.89 -25.06 -3.75
CA GLN E 13 -14.55 -24.99 -3.20
C GLN E 13 -14.20 -23.60 -2.67
N ARG E 14 -14.87 -22.55 -3.18
CA ARG E 14 -14.62 -21.20 -2.69
C ARG E 14 -15.22 -20.98 -1.31
N THR E 15 -16.37 -21.59 -1.02
CA THR E 15 -16.98 -21.48 0.29
C THR E 15 -16.13 -22.09 1.40
N TYR E 16 -15.07 -22.83 1.06
CA TYR E 16 -14.18 -23.41 2.04
C TYR E 16 -13.04 -22.45 2.35
N TRP F 2 -10.21 -2.76 30.92
CA TRP F 2 -11.62 -2.55 31.25
C TRP F 2 -11.92 -2.58 32.75
N GLY F 4 -8.83 -2.50 35.24
CA GLY F 4 -7.61 -2.10 35.94
C GLY F 4 -7.41 -0.60 36.02
N TYR F 5 -6.73 -0.15 37.09
CA TYR F 5 -6.46 1.27 37.25
C TYR F 5 -5.70 1.84 36.06
N LEU F 6 -4.62 1.18 35.66
CA LEU F 6 -3.80 1.68 34.55
C LEU F 6 -4.58 1.64 33.24
N CYS F 7 -5.31 0.55 32.98
CA CYS F 7 -6.02 0.43 31.73
C CYS F 7 -7.19 1.43 31.64
N LEU F 8 -7.89 1.64 32.76
CA LEU F 8 -8.98 2.61 32.76
C LEU F 8 -8.45 4.03 32.66
N ARG F 9 -7.30 4.31 33.27
CA ARG F 9 -6.67 5.62 33.15
C ARG F 9 -6.21 5.87 31.72
N ARG F 11 -7.66 4.61 29.05
CA ARG F 11 -8.89 4.83 28.28
C ARG F 11 -9.40 6.25 28.46
N ILE F 12 -9.26 6.79 29.68
CA ILE F 12 -9.63 8.18 29.92
C ILE F 12 -8.73 9.11 29.13
N GLN F 13 -7.43 8.81 29.07
CA GLN F 13 -6.51 9.65 28.33
C GLN F 13 -6.73 9.56 26.83
N ARG F 14 -7.19 8.40 26.33
CA ARG F 14 -7.38 8.26 24.88
C ARG F 14 -8.53 9.12 24.38
N THR F 15 -9.50 9.43 25.22
CA THR F 15 -10.60 10.29 24.80
C THR F 15 -10.24 11.77 24.81
N TYR F 16 -9.13 12.14 25.44
CA TYR F 16 -8.66 13.52 25.43
C TYR F 16 -7.63 13.73 24.33
#